data_3PEB
#
_entry.id   3PEB
#
_cell.length_a   70.503
_cell.length_b   70.503
_cell.length_c   160.388
_cell.angle_alpha   90.000
_cell.angle_beta   90.000
_cell.angle_gamma   120.000
#
_symmetry.space_group_name_H-M   'P 61 2 2'
#
loop_
_entity.id
_entity.type
_entity.pdbx_description
1 polymer Dipeptidase
2 non-polymer '2-[N-CYCLOHEXYLAMINO]ETHANE SULFONIC ACID'
3 non-polymer 1,2-ETHANEDIOL
4 non-polymer 'SODIUM ION'
5 water water
#
_entity_poly.entity_id   1
_entity_poly.type   'polypeptide(L)'
_entity_poly.pdbx_seq_one_letter_code
;SNA(MSE)SKLDRIRHFLNENKSGLAIVSDPVTVNYLTGFDCDPHERQ(MSE)FLFVYENREPALFVPALEVARASSVLD
FPVFGYVDSENPWQKIKAGLASTDIPIIYAEFDNLNVTKFQGLQTVFEGRFENLTPFIHK(MSE)RVIK
;
_entity_poly.pdbx_strand_id   A
#
loop_
_chem_comp.id
_chem_comp.type
_chem_comp.name
_chem_comp.formula
EDO non-polymer 1,2-ETHANEDIOL 'C2 H6 O2'
NA non-polymer 'SODIUM ION' 'Na 1'
NHE non-polymer '2-[N-CYCLOHEXYLAMINO]ETHANE SULFONIC ACID' 'C8 H17 N O3 S'
#
# COMPACT_ATOMS: atom_id res chain seq x y z
N ALA A 3 14.89 17.25 5.49
CA ALA A 3 14.47 17.48 4.08
C ALA A 3 13.55 16.33 3.60
N MSE A 4 14.00 15.08 3.72
CA MSE A 4 13.22 13.91 3.23
C MSE A 4 12.01 13.55 4.11
O MSE A 4 12.15 13.35 5.32
CB MSE A 4 14.11 12.67 3.12
CG MSE A 4 14.95 12.53 1.83
SE MSE A 4 15.29 10.62 1.57
CE MSE A 4 15.62 10.57 -0.37
N SER A 5 10.84 13.43 3.46
CA SER A 5 9.65 12.92 4.12
C SER A 5 9.79 11.40 4.32
N LYS A 6 8.89 10.82 5.10
CA LYS A 6 8.94 9.38 5.33
C LYS A 6 8.63 8.62 4.03
N LEU A 7 7.70 9.15 3.22
CA LEU A 7 7.43 8.56 1.90
C LEU A 7 8.62 8.71 0.94
N ASP A 8 9.36 9.81 1.02
CA ASP A 8 10.63 9.98 0.27
C ASP A 8 11.64 8.87 0.63
N ARG A 9 11.71 8.52 1.93
CA ARG A 9 12.63 7.51 2.40
CA ARG A 9 12.64 7.52 2.41
C ARG A 9 12.24 6.14 1.87
N ILE A 10 10.93 5.85 1.81
CA ILE A 10 10.45 4.59 1.21
C ILE A 10 10.84 4.56 -0.26
N ARG A 11 10.61 5.66 -0.97
CA ARG A 11 10.95 5.69 -2.40
C ARG A 11 12.46 5.54 -2.65
N HIS A 12 13.30 6.12 -1.78
CA HIS A 12 14.76 5.97 -1.90
C HIS A 12 15.16 4.50 -1.73
N PHE A 13 14.57 3.86 -0.73
CA PHE A 13 14.81 2.44 -0.48
C PHE A 13 14.40 1.58 -1.68
N LEU A 14 13.22 1.86 -2.24
CA LEU A 14 12.75 1.12 -3.42
C LEU A 14 13.75 1.25 -4.56
N ASN A 15 14.16 2.49 -4.81
CA ASN A 15 15.07 2.80 -5.89
C ASN A 15 16.42 2.10 -5.71
N GLU A 16 17.00 2.15 -4.52
CA GLU A 16 18.24 1.42 -4.21
C GLU A 16 18.13 -0.09 -4.51
N ASN A 17 16.93 -0.64 -4.32
CA ASN A 17 16.69 -2.09 -4.43
C ASN A 17 15.99 -2.51 -5.72
N LYS A 18 15.94 -1.59 -6.70
CA LYS A 18 15.41 -1.85 -8.05
C LYS A 18 13.96 -2.32 -8.05
N SER A 19 13.20 -1.76 -7.12
CA SER A 19 11.79 -2.03 -6.97
C SER A 19 10.93 -0.85 -7.33
N GLY A 20 9.87 -1.10 -8.10
CA GLY A 20 8.97 -0.03 -8.52
C GLY A 20 7.84 0.29 -7.56
N LEU A 21 7.68 -0.50 -6.50
CA LEU A 21 6.50 -0.37 -5.66
C LEU A 21 6.66 -0.98 -4.28
N ALA A 22 6.23 -0.24 -3.26
CA ALA A 22 6.00 -0.83 -1.93
C ALA A 22 4.48 -0.89 -1.68
N ILE A 23 4.04 -2.03 -1.16
CA ILE A 23 2.65 -2.20 -0.75
C ILE A 23 2.65 -2.30 0.76
N VAL A 24 2.12 -1.26 1.39
CA VAL A 24 2.10 -1.13 2.83
C VAL A 24 0.71 -1.54 3.31
N SER A 25 0.67 -2.51 4.23
CA SER A 25 -0.57 -3.07 4.71
C SER A 25 -0.83 -2.90 6.19
N ASP A 26 0.22 -2.72 7.00
CA ASP A 26 0.07 -2.64 8.44
C ASP A 26 -0.51 -1.27 8.75
N PRO A 27 -1.69 -1.21 9.41
CA PRO A 27 -2.26 0.10 9.75
C PRO A 27 -1.35 1.00 10.55
N VAL A 28 -0.50 0.42 11.38
CA VAL A 28 0.48 1.19 12.16
C VAL A 28 1.48 1.87 11.20
N THR A 29 1.94 1.14 10.19
CA THR A 29 2.86 1.70 9.18
C THR A 29 2.18 2.73 8.31
N VAL A 30 0.92 2.48 7.91
CA VAL A 30 0.20 3.48 7.12
C VAL A 30 0.14 4.80 7.91
N ASN A 31 -0.25 4.74 9.17
CA ASN A 31 -0.32 5.94 10.02
C ASN A 31 1.06 6.59 10.18
N TYR A 32 2.07 5.76 10.41
CA TYR A 32 3.44 6.25 10.55
C TYR A 32 3.89 7.05 9.32
N LEU A 33 3.62 6.53 8.13
CA LEU A 33 4.07 7.13 6.89
C LEU A 33 3.23 8.32 6.43
N THR A 34 1.94 8.36 6.78
CA THR A 34 1.01 9.31 6.16
C THR A 34 0.18 10.12 7.13
N GLY A 35 0.09 9.70 8.39
CA GLY A 35 -0.77 10.37 9.37
C GLY A 35 -2.24 9.99 9.28
N PHE A 36 -2.60 9.08 8.37
CA PHE A 36 -3.95 8.53 8.29
C PHE A 36 -4.05 7.27 9.15
N ASP A 37 -4.92 7.31 10.14
CA ASP A 37 -5.06 6.25 11.14
C ASP A 37 -6.37 5.52 10.91
N CYS A 38 -6.27 4.23 10.56
CA CYS A 38 -7.45 3.43 10.23
C CYS A 38 -7.24 1.97 10.59
N ASP A 39 -8.18 1.41 11.34
CA ASP A 39 -8.24 -0.05 11.50
C ASP A 39 -9.32 -0.56 10.55
N PRO A 40 -8.93 -1.27 9.48
CA PRO A 40 -9.89 -1.80 8.51
C PRO A 40 -10.58 -3.11 8.95
N HIS A 41 -10.20 -3.59 10.13
CA HIS A 41 -10.76 -4.83 10.71
CA HIS A 41 -10.77 -4.83 10.72
C HIS A 41 -10.51 -5.97 9.73
N GLU A 42 -11.55 -6.59 9.15
CA GLU A 42 -11.31 -7.68 8.20
CA GLU A 42 -11.36 -7.69 8.19
C GLU A 42 -11.36 -7.23 6.73
N ARG A 43 -11.50 -5.93 6.49
CA ARG A 43 -11.54 -5.44 5.12
C ARG A 43 -10.15 -5.12 4.60
N GLN A 44 -10.06 -4.81 3.33
CA GLN A 44 -8.78 -4.49 2.69
C GLN A 44 -8.41 -2.99 2.79
N MSE A 45 -7.16 -2.72 3.17
CA MSE A 45 -6.54 -1.41 3.06
C MSE A 45 -5.10 -1.65 2.61
O MSE A 45 -4.41 -2.47 3.20
CB MSE A 45 -6.51 -0.65 4.38
CG MSE A 45 -5.81 0.67 4.28
SE MSE A 45 -5.82 1.82 5.84
CE MSE A 45 -4.69 0.74 7.03
N PHE A 46 -4.68 -0.92 1.59
CA PHE A 46 -3.29 -0.96 1.11
C PHE A 46 -2.86 0.45 0.70
N LEU A 47 -1.67 0.85 1.12
CA LEU A 47 -1.04 2.06 0.62
C LEU A 47 -0.01 1.63 -0.39
N PHE A 48 -0.18 2.13 -1.61
CA PHE A 48 0.72 1.82 -2.74
C PHE A 48 1.69 2.96 -2.93
N VAL A 49 2.95 2.75 -2.50
CA VAL A 49 3.99 3.73 -2.62
C VAL A 49 4.86 3.36 -3.82
N TYR A 50 4.56 3.98 -4.96
CA TYR A 50 5.38 3.83 -6.15
C TYR A 50 6.73 4.52 -6.06
N GLU A 51 7.70 3.92 -6.73
CA GLU A 51 9.05 4.46 -6.80
C GLU A 51 9.07 5.81 -7.53
N ASN A 52 8.34 5.90 -8.66
CA ASN A 52 8.37 7.11 -9.50
C ASN A 52 6.98 7.51 -10.00
N ARG A 53 5.97 7.37 -9.13
CA ARG A 53 4.63 7.90 -9.36
C ARG A 53 4.12 8.35 -7.98
N GLU A 54 3.07 9.16 -7.97
CA GLU A 54 2.43 9.51 -6.72
CA GLU A 54 2.36 9.52 -6.75
C GLU A 54 1.83 8.26 -6.08
N PRO A 55 1.77 8.23 -4.76
CA PRO A 55 1.15 7.09 -4.12
C PRO A 55 -0.39 7.05 -4.34
N ALA A 56 -1.02 5.92 -3.97
CA ALA A 56 -2.47 5.82 -3.87
C ALA A 56 -2.80 4.97 -2.67
N LEU A 57 -3.91 5.32 -2.01
CA LEU A 57 -4.42 4.55 -0.88
C LEU A 57 -5.74 3.93 -1.27
N PHE A 58 -5.87 2.64 -0.99
CA PHE A 58 -7.06 1.88 -1.19
C PHE A 58 -7.62 1.49 0.17
N VAL A 59 -8.91 1.79 0.39
CA VAL A 59 -9.56 1.57 1.67
C VAL A 59 -10.99 1.12 1.43
N PRO A 60 -11.66 0.59 2.47
CA PRO A 60 -13.12 0.46 2.32
C PRO A 60 -13.74 1.80 1.99
N ALA A 61 -14.82 1.76 1.21
CA ALA A 61 -15.52 2.98 0.80
C ALA A 61 -15.84 3.91 1.96
N LEU A 62 -16.26 3.34 3.10
CA LEU A 62 -16.62 4.09 4.30
CA LEU A 62 -16.65 4.13 4.26
C LEU A 62 -15.55 5.10 4.73
N GLU A 63 -14.29 4.78 4.45
CA GLU A 63 -13.13 5.55 4.89
C GLU A 63 -12.60 6.55 3.83
N VAL A 64 -13.14 6.51 2.62
CA VAL A 64 -12.58 7.31 1.50
C VAL A 64 -12.66 8.82 1.77
N ALA A 65 -13.80 9.31 2.27
CA ALA A 65 -13.99 10.74 2.56
C ALA A 65 -12.98 11.24 3.61
N ARG A 66 -12.83 10.51 4.71
CA ARG A 66 -11.88 10.90 5.75
C ARG A 66 -10.43 10.86 5.26
N ALA A 67 -10.05 9.79 4.57
CA ALA A 67 -8.68 9.65 4.06
C ALA A 67 -8.39 10.79 3.09
N SER A 68 -9.32 11.05 2.18
CA SER A 68 -9.17 12.11 1.18
C SER A 68 -9.01 13.49 1.82
N SER A 69 -9.62 13.70 2.98
CA SER A 69 -9.56 14.96 3.68
C SER A 69 -8.20 15.21 4.32
N VAL A 70 -7.40 14.16 4.53
CA VAL A 70 -6.11 14.39 5.18
C VAL A 70 -4.90 13.98 4.33
N LEU A 71 -5.11 13.49 3.11
CA LEU A 71 -4.02 13.02 2.26
C LEU A 71 -4.01 13.81 0.95
N ASP A 72 -2.83 14.10 0.44
CA ASP A 72 -2.77 14.89 -0.76
C ASP A 72 -2.44 14.08 -2.00
N PHE A 73 -2.76 12.80 -1.98
CA PHE A 73 -2.65 11.93 -3.13
C PHE A 73 -3.93 11.12 -3.25
N PRO A 74 -4.12 10.41 -4.37
CA PRO A 74 -5.40 9.76 -4.62
C PRO A 74 -5.81 8.67 -3.61
N VAL A 75 -7.08 8.69 -3.23
CA VAL A 75 -7.68 7.67 -2.35
C VAL A 75 -8.83 7.05 -3.16
N PHE A 76 -8.91 5.72 -3.14
CA PHE A 76 -10.03 5.04 -3.75
C PHE A 76 -10.47 3.87 -2.88
N GLY A 77 -11.66 3.39 -3.13
CA GLY A 77 -12.24 2.33 -2.26
C GLY A 77 -13.23 1.36 -2.87
N TYR A 78 -13.86 0.56 -2.00
CA TYR A 78 -14.79 -0.44 -2.44
C TYR A 78 -15.90 -0.60 -1.38
N VAL A 79 -17.12 -0.80 -1.86
CA VAL A 79 -18.25 -1.21 -1.03
C VAL A 79 -18.29 -2.76 -0.95
N ASP A 80 -19.01 -3.32 0.00
CA ASP A 80 -18.91 -4.75 0.27
C ASP A 80 -19.48 -5.62 -0.87
N SER A 81 -20.29 -5.06 -1.76
CA SER A 81 -20.74 -5.80 -2.94
C SER A 81 -19.64 -5.92 -4.03
N GLU A 82 -18.52 -5.23 -3.86
CA GLU A 82 -17.46 -5.25 -4.88
C GLU A 82 -16.31 -6.15 -4.44
N ASN A 83 -15.67 -6.77 -5.43
CA ASN A 83 -14.45 -7.56 -5.20
C ASN A 83 -13.26 -6.59 -5.07
N PRO A 84 -12.59 -6.57 -3.91
CA PRO A 84 -11.56 -5.55 -3.71
C PRO A 84 -10.33 -5.73 -4.63
N TRP A 85 -10.01 -6.98 -4.97
CA TRP A 85 -8.87 -7.28 -5.85
C TRP A 85 -9.16 -6.77 -7.25
N GLN A 86 -10.38 -6.97 -7.73
CA GLN A 86 -10.79 -6.41 -9.01
C GLN A 86 -10.76 -4.87 -8.98
N LYS A 87 -11.23 -4.29 -7.89
CA LYS A 87 -11.21 -2.81 -7.76
C LYS A 87 -9.79 -2.24 -7.78
N ILE A 88 -8.89 -2.87 -7.04
CA ILE A 88 -7.47 -2.45 -7.05
C ILE A 88 -6.91 -2.49 -8.47
N LYS A 89 -7.10 -3.62 -9.15
CA LYS A 89 -6.61 -3.82 -10.48
C LYS A 89 -7.16 -2.77 -11.44
N ALA A 90 -8.45 -2.45 -11.32
CA ALA A 90 -9.09 -1.48 -12.20
C ALA A 90 -8.63 -0.05 -11.88
N GLY A 91 -8.27 0.20 -10.62
CA GLY A 91 -7.90 1.56 -10.21
C GLY A 91 -6.43 1.94 -10.38
N LEU A 92 -5.54 0.96 -10.39
CA LEU A 92 -4.13 1.25 -10.52
C LEU A 92 -3.70 1.09 -11.97
N ALA A 93 -3.04 2.10 -12.53
CA ALA A 93 -2.49 2.00 -13.90
C ALA A 93 -1.38 0.98 -14.01
N SER A 94 -0.55 0.88 -12.98
CA SER A 94 0.61 0.05 -13.09
C SER A 94 0.54 -1.11 -12.10
N THR A 95 0.43 -2.32 -12.63
CA THR A 95 0.45 -3.54 -11.82
C THR A 95 1.49 -4.55 -12.30
N ASP A 96 2.28 -4.21 -13.32
CA ASP A 96 3.39 -5.05 -13.76
CA ASP A 96 3.38 -5.05 -13.80
C ASP A 96 4.69 -4.41 -13.29
N ILE A 97 5.20 -4.90 -12.17
CA ILE A 97 6.36 -4.34 -11.52
C ILE A 97 7.24 -5.51 -11.16
N PRO A 98 8.45 -5.58 -11.73
CA PRO A 98 9.27 -6.76 -11.51
C PRO A 98 9.57 -7.13 -10.05
N ILE A 99 9.86 -6.14 -9.20
CA ILE A 99 10.13 -6.40 -7.80
C ILE A 99 9.23 -5.51 -6.94
N ILE A 100 8.45 -6.15 -6.06
CA ILE A 100 7.51 -5.44 -5.22
C ILE A 100 7.83 -5.72 -3.77
N TYR A 101 7.91 -4.65 -2.95
CA TYR A 101 8.16 -4.83 -1.53
C TYR A 101 6.82 -4.83 -0.77
N ALA A 102 6.70 -5.72 0.21
CA ALA A 102 5.49 -5.81 1.04
C ALA A 102 5.87 -6.23 2.45
N GLU A 103 4.97 -5.99 3.41
CA GLU A 103 5.31 -6.22 4.80
C GLU A 103 4.96 -7.66 5.18
N PHE A 104 5.95 -8.55 5.13
CA PHE A 104 5.71 -9.99 5.31
C PHE A 104 5.29 -10.36 6.73
N ASP A 105 5.66 -9.54 7.73
CA ASP A 105 5.24 -9.82 9.09
C ASP A 105 3.77 -9.44 9.30
N ASN A 106 3.19 -8.63 8.43
CA ASN A 106 1.84 -8.14 8.60
C ASN A 106 0.83 -8.87 7.69
N LEU A 107 1.17 -9.04 6.43
CA LEU A 107 0.28 -9.68 5.47
C LEU A 107 0.04 -11.12 5.83
N ASN A 108 -1.22 -11.50 5.87
CA ASN A 108 -1.55 -12.92 5.93
C ASN A 108 -1.49 -13.54 4.56
N VAL A 109 -1.55 -14.87 4.49
CA VAL A 109 -1.41 -15.58 3.23
C VAL A 109 -2.60 -15.27 2.30
N THR A 110 -3.78 -15.09 2.89
CA THR A 110 -4.99 -14.75 2.11
C THR A 110 -4.78 -13.43 1.35
N LYS A 111 -4.27 -12.40 2.02
CA LYS A 111 -4.04 -11.12 1.37
C LYS A 111 -2.90 -11.20 0.38
N PHE A 112 -1.86 -11.93 0.72
CA PHE A 112 -0.75 -12.12 -0.18
C PHE A 112 -1.22 -12.79 -1.49
N GLN A 113 -2.04 -13.83 -1.37
CA GLN A 113 -2.61 -14.50 -2.54
C GLN A 113 -3.49 -13.54 -3.37
N GLY A 114 -4.27 -12.71 -2.69
CA GLY A 114 -5.08 -11.68 -3.37
C GLY A 114 -4.20 -10.73 -4.16
N LEU A 115 -3.14 -10.23 -3.54
CA LEU A 115 -2.20 -9.30 -4.20
C LEU A 115 -1.54 -9.96 -5.38
N GLN A 116 -1.27 -11.25 -5.25
CA GLN A 116 -0.67 -12.01 -6.36
C GLN A 116 -1.63 -12.17 -7.54
N THR A 117 -2.95 -12.03 -7.32
CA THR A 117 -3.86 -12.06 -8.47
C THR A 117 -3.84 -10.71 -9.24
N VAL A 118 -3.42 -9.64 -8.58
CA VAL A 118 -3.38 -8.29 -9.17
C VAL A 118 -2.02 -8.02 -9.82
N PHE A 119 -0.94 -8.30 -9.07
CA PHE A 119 0.41 -7.91 -9.46
C PHE A 119 1.21 -9.03 -10.04
N GLU A 120 1.81 -8.73 -11.18
CA GLU A 120 2.78 -9.58 -11.83
C GLU A 120 4.15 -9.10 -11.37
N GLY A 121 4.80 -9.93 -10.55
CA GLY A 121 6.16 -9.69 -10.14
C GLY A 121 6.54 -10.47 -8.90
N ARG A 122 7.78 -10.27 -8.47
CA ARG A 122 8.40 -10.96 -7.37
C ARG A 122 8.29 -10.10 -6.12
N PHE A 123 7.88 -10.71 -5.02
CA PHE A 123 7.72 -9.98 -3.79
C PHE A 123 8.93 -10.18 -2.87
N GLU A 124 9.31 -9.08 -2.21
CA GLU A 124 10.39 -9.04 -1.24
C GLU A 124 9.89 -8.37 0.01
N ASN A 125 10.58 -8.60 1.12
CA ASN A 125 10.12 -8.20 2.45
C ASN A 125 10.56 -6.76 2.85
N LEU A 126 9.58 -5.90 3.07
CA LEU A 126 9.74 -4.51 3.51
C LEU A 126 9.84 -4.35 5.02
N THR A 127 9.45 -5.38 5.77
CA THR A 127 9.32 -5.23 7.21
C THR A 127 10.62 -4.79 7.90
N PRO A 128 11.77 -5.39 7.52
CA PRO A 128 13.02 -4.96 8.15
C PRO A 128 13.32 -3.45 7.96
N PHE A 129 13.07 -2.94 6.76
CA PHE A 129 13.25 -1.53 6.52
C PHE A 129 12.32 -0.66 7.36
N ILE A 130 11.05 -1.09 7.51
CA ILE A 130 10.12 -0.33 8.32
C ILE A 130 10.64 -0.24 9.78
N HIS A 131 11.10 -1.36 10.34
CA HIS A 131 11.67 -1.33 11.69
CA HIS A 131 11.70 -1.35 11.69
C HIS A 131 12.90 -0.40 11.77
N LYS A 132 13.76 -0.45 10.76
CA LYS A 132 14.95 0.40 10.69
C LYS A 132 14.56 1.89 10.73
N MSE A 133 13.51 2.25 9.98
CA MSE A 133 13.05 3.64 9.94
C MSE A 133 12.67 4.14 11.32
O MSE A 133 12.83 5.33 11.63
CB MSE A 133 11.84 3.81 9.02
CG MSE A 133 12.17 3.78 7.56
SE MSE A 133 10.55 4.14 6.53
CE MSE A 133 10.53 6.08 6.79
N ARG A 134 12.12 3.24 12.13
CA ARG A 134 11.60 3.55 13.46
C ARG A 134 12.51 3.01 14.56
C3' NHE B . 7.31 10.24 -7.15
C2' NHE B . 6.20 11.06 -6.47
C1' NHE B . 6.79 12.20 -5.63
C6' NHE B . 7.64 13.07 -6.54
N NHE B . 5.76 13.06 -5.05
C1 NHE B . 4.64 12.38 -4.41
C2 NHE B . 4.24 13.25 -3.22
S NHE B . 4.14 12.29 -1.67
O1 NHE B . 5.39 12.48 -0.85
O2 NHE B . 4.07 10.83 -1.96
O3 NHE B . 2.93 12.76 -0.89
C5' NHE B . 8.80 12.25 -7.07
C4' NHE B . 8.27 11.12 -7.93
C1 EDO C . -5.82 5.65 -7.69
O1 EDO C . -4.92 5.63 -8.81
C2 EDO C . -7.16 6.24 -8.10
O2 EDO C . -7.73 5.38 -9.08
C1 EDO D . 0.55 4.08 -18.21
O1 EDO D . 1.65 3.84 -17.31
C2 EDO D . -0.41 5.05 -17.54
O2 EDO D . 0.18 5.49 -16.31
C1 EDO E . -0.55 -11.58 10.32
O1 EDO E . -0.77 -10.22 10.70
C2 EDO E . -1.86 -12.29 10.07
O2 EDO E . -2.38 -12.87 11.27
C1 EDO F . -3.26 1.92 13.54
O1 EDO F . -2.71 3.11 14.11
C2 EDO F . -4.12 1.20 14.57
O2 EDO F . -5.48 1.22 14.13
C1 EDO G . -6.25 10.96 10.57
O1 EDO G . -6.33 9.63 11.11
C2 EDO G . -7.59 11.49 10.02
O2 EDO G . -8.68 11.29 10.90
C1 EDO H . -3.34 -3.00 -15.01
O1 EDO H . -2.00 -2.59 -15.28
C2 EDO H . -3.89 -2.16 -13.87
O2 EDO H . -5.12 -1.50 -14.19
C1 EDO I . -14.77 7.65 9.03
O1 EDO I . -13.61 7.30 8.26
C2 EDO I . -15.61 6.40 9.30
O2 EDO I . -16.98 6.77 9.25
C1 EDO J . 6.96 -14.87 -4.78
O1 EDO J . 7.23 -13.48 -5.01
C2 EDO J . 5.98 -15.33 -5.85
O2 EDO J . 5.59 -14.23 -6.68
C1 EDO K . -15.63 -8.21 6.50
O1 EDO K . -16.20 -7.08 7.20
C2 EDO K . -16.11 -8.24 5.05
O2 EDO K . -17.49 -7.89 4.98
C1 EDO L . -7.76 -8.85 -10.79
O1 EDO L . -8.83 -8.98 -11.74
C2 EDO L . -7.66 -10.13 -9.98
O2 EDO L . -8.84 -10.28 -9.18
NA NA M . 1.22 -12.44 -9.57
NA NA N . -7.04 14.74 -0.70
#